data_6NPT
#
_entry.id   6NPT
#
_cell.length_a   52.084
_cell.length_b   52.084
_cell.length_c   225.611
_cell.angle_alpha   90.00
_cell.angle_beta   90.00
_cell.angle_gamma   120.00
#
_symmetry.space_group_name_H-M   'P 31 1 2'
#
loop_
_entity.id
_entity.type
_entity.pdbx_description
1 polymer 'High affinity nerve growth factor receptor'
2 non-polymer 4-tert-butyl-N-(1,3-diphenyl-1H-pyrazol-5-yl)benzamide
3 water water
#
_entity_poly.entity_id   1
_entity_poly.type   'polypeptide(L)'
_entity_poly.pdbx_seq_one_letter_code
;IENPQYFSDACVHHIKRRDIVLKWELGEGAFGKVFLAECHNLLPEQDKMLVAVKALKEASESARQDFQREAELLTMLQHQ
HIVRFFGVCTEGRPLLMVFEYMRHGDLNRFLRSHGPDAKLLAGGEDVAPGPLGLGQLLAVASQVAAGMVYLAGLHFVHRD
LATRNCLVGQGLVVKIGDFGMSRDIY(SEP)TDYYRVGGRTMLPIRWMPPESILYRKFTTESDVWSFGVVLWEIFTYGKQ
PWYQLSNTEAIDCITQGRELERPRACPPEVYAIMRGCWQREPQQRHSIKDVHARLQALAQAPPVYLDVL
;
_entity_poly.pdbx_strand_id   A
#
# COMPACT_ATOMS: atom_id res chain seq x y z
N ILE A 1 2.54 13.11 -7.18
CA ILE A 1 2.86 14.56 -7.47
C ILE A 1 3.37 15.43 -6.30
N GLU A 2 3.26 14.94 -5.06
CA GLU A 2 3.68 15.67 -3.86
C GLU A 2 5.20 15.80 -3.71
N ASN A 3 5.93 14.71 -3.98
CA ASN A 3 7.41 14.68 -3.87
C ASN A 3 8.11 15.44 -5.02
N CYS A 11 16.45 6.53 -18.48
CA CYS A 11 15.27 6.97 -17.72
C CYS A 11 13.99 6.21 -18.16
N VAL A 12 12.95 6.90 -18.68
CA VAL A 12 11.62 6.29 -18.90
C VAL A 12 11.60 5.29 -20.07
N HIS A 13 11.22 4.04 -19.78
CA HIS A 13 11.03 3.02 -20.80
C HIS A 13 9.73 3.27 -21.58
N HIS A 14 9.76 2.95 -22.88
CA HIS A 14 8.62 3.13 -23.78
C HIS A 14 8.26 1.83 -24.41
N ILE A 15 6.95 1.62 -24.59
CA ILE A 15 6.40 0.36 -25.04
C ILE A 15 5.52 0.67 -26.24
N LYS A 16 5.71 -0.09 -27.32
CA LYS A 16 4.91 0.10 -28.54
C LYS A 16 3.49 -0.42 -28.34
N ARG A 17 2.50 0.34 -28.79
CA ARG A 17 1.12 -0.01 -28.60
C ARG A 17 0.77 -1.44 -29.05
N ARG A 18 1.33 -1.85 -30.18
CA ARG A 18 1.15 -3.22 -30.69
C ARG A 18 1.64 -4.33 -29.75
N ASP A 19 2.70 -4.05 -28.98
CA ASP A 19 3.23 -4.99 -27.97
C ASP A 19 2.30 -5.17 -26.76
N ILE A 20 1.38 -4.23 -26.52
CA ILE A 20 0.36 -4.35 -25.47
C ILE A 20 -0.98 -4.80 -26.04
N VAL A 21 -1.54 -5.88 -25.51
CA VAL A 21 -2.82 -6.39 -25.93
C VAL A 21 -3.74 -6.45 -24.71
N LEU A 22 -4.72 -5.56 -24.65
CA LEU A 22 -5.67 -5.50 -23.53
C LEU A 22 -6.56 -6.73 -23.51
N LYS A 23 -6.78 -7.32 -22.33
CA LYS A 23 -7.62 -8.52 -22.18
C LYS A 23 -8.97 -8.17 -21.60
N TRP A 24 -8.96 -7.52 -20.45
CA TRP A 24 -10.17 -7.06 -19.79
C TRP A 24 -9.88 -6.05 -18.71
N GLU A 25 -10.93 -5.37 -18.24
CA GLU A 25 -10.82 -4.35 -17.24
C GLU A 25 -10.67 -5.00 -15.87
N LEU A 26 -9.77 -4.45 -15.06
CA LEU A 26 -9.62 -4.85 -13.64
C LEU A 26 -10.36 -3.90 -12.71
N GLY A 27 -10.33 -2.61 -13.02
CA GLY A 27 -11.09 -1.63 -12.26
C GLY A 27 -11.18 -0.30 -12.99
N GLU A 28 -11.83 0.66 -12.33
CA GLU A 28 -12.27 1.91 -12.94
C GLU A 28 -12.16 3.07 -11.92
N GLY A 29 -12.29 4.29 -12.40
CA GLY A 29 -12.32 5.47 -11.55
C GLY A 29 -12.70 6.74 -12.28
N ALA A 30 -12.51 7.89 -11.63
CA ALA A 30 -12.71 9.20 -12.26
C ALA A 30 -11.55 9.55 -13.20
N PHE A 31 -10.33 9.29 -12.77
CA PHE A 31 -9.12 9.65 -13.50
C PHE A 31 -8.48 8.51 -14.33
N GLY A 32 -9.20 7.40 -14.49
CA GLY A 32 -8.74 6.32 -15.36
C GLY A 32 -9.30 4.93 -15.14
N LYS A 33 -8.81 4.00 -15.96
CA LYS A 33 -9.24 2.62 -15.98
C LYS A 33 -8.01 1.77 -15.98
N VAL A 34 -8.10 0.61 -15.34
CA VAL A 34 -7.00 -0.33 -15.29
C VAL A 34 -7.42 -1.60 -16.00
N PHE A 35 -6.54 -2.11 -16.85
CA PHE A 35 -6.78 -3.35 -17.57
C PHE A 35 -5.68 -4.34 -17.28
N LEU A 36 -6.02 -5.60 -17.38
CA LEU A 36 -5.05 -6.67 -17.60
C LEU A 36 -4.75 -6.80 -19.09
N ALA A 37 -3.47 -6.97 -19.41
CA ALA A 37 -3.01 -7.05 -20.79
C ALA A 37 -1.85 -8.02 -20.91
N GLU A 38 -1.68 -8.56 -22.12
CA GLU A 38 -0.48 -9.31 -22.47
C GLU A 38 0.49 -8.27 -23.01
N CYS A 39 1.75 -8.35 -22.58
CA CYS A 39 2.79 -7.48 -23.09
C CYS A 39 3.86 -8.36 -23.72
N HIS A 40 4.16 -8.10 -24.99
CA HIS A 40 5.10 -8.88 -25.79
C HIS A 40 6.47 -8.20 -25.83
N ASN A 41 7.52 -9.01 -25.84
CA ASN A 41 8.92 -8.55 -25.93
C ASN A 41 9.34 -7.60 -24.78
N LEU A 42 8.73 -7.77 -23.61
CA LEU A 42 8.98 -6.87 -22.49
C LEU A 42 10.23 -7.34 -21.74
N LEU A 43 10.22 -8.59 -21.27
CA LEU A 43 11.39 -9.19 -20.61
C LEU A 43 11.99 -10.30 -21.49
N PRO A 44 13.30 -10.58 -21.31
CA PRO A 44 13.95 -11.57 -22.19
C PRO A 44 13.45 -12.99 -21.98
N GLU A 45 13.39 -13.42 -20.72
CA GLU A 45 12.95 -14.76 -20.33
C GLU A 45 11.56 -15.07 -20.86
N GLN A 46 10.62 -14.18 -20.56
CA GLN A 46 9.22 -14.35 -20.93
C GLN A 46 8.89 -13.54 -22.18
N ASP A 47 8.75 -14.22 -23.31
CA ASP A 47 8.35 -13.60 -24.59
C ASP A 47 6.90 -13.07 -24.60
N LYS A 48 6.05 -13.64 -23.73
CA LYS A 48 4.71 -13.14 -23.44
C LYS A 48 4.59 -13.02 -21.91
N MET A 49 3.92 -11.98 -21.42
CA MET A 49 3.71 -11.82 -19.99
C MET A 49 2.53 -10.94 -19.66
N LEU A 50 1.89 -11.24 -18.54
CA LEU A 50 0.78 -10.42 -18.06
C LEU A 50 1.28 -9.17 -17.35
N VAL A 51 0.51 -8.08 -17.49
CA VAL A 51 0.77 -6.80 -16.86
C VAL A 51 -0.54 -6.08 -16.55
N ALA A 52 -0.47 -5.08 -15.68
CA ALA A 52 -1.60 -4.22 -15.36
C ALA A 52 -1.34 -2.88 -16.04
N VAL A 53 -2.31 -2.45 -16.84
CA VAL A 53 -2.19 -1.23 -17.61
C VAL A 53 -3.15 -0.14 -17.13
N LYS A 54 -2.60 1.01 -16.79
CA LYS A 54 -3.40 2.15 -16.36
C LYS A 54 -3.59 3.05 -17.57
N ALA A 55 -4.84 3.28 -17.92
CA ALA A 55 -5.21 4.10 -19.05
C ALA A 55 -5.67 5.45 -18.51
N LEU A 56 -5.00 6.52 -18.95
CA LEU A 56 -5.39 7.87 -18.58
C LEU A 56 -6.66 8.25 -19.33
N LYS A 57 -7.65 8.76 -18.59
CA LYS A 57 -8.89 9.33 -19.15
C LYS A 57 -8.64 10.32 -20.31
N GLU A 58 -7.66 11.19 -20.10
CA GLU A 58 -7.15 12.16 -21.11
C GLU A 58 -7.95 13.45 -21.06
N ALA A 63 -3.35 17.14 -17.74
CA ALA A 63 -3.30 15.69 -17.65
C ALA A 63 -2.00 15.12 -18.20
N ARG A 64 -1.70 15.48 -19.46
CA ARG A 64 -0.48 15.03 -20.15
C ARG A 64 0.84 15.42 -19.44
N GLN A 65 0.89 16.60 -18.82
CA GLN A 65 2.10 17.05 -18.13
C GLN A 65 2.38 16.25 -16.86
N ASP A 66 1.34 16.14 -16.03
CA ASP A 66 1.38 15.31 -14.80
C ASP A 66 1.89 13.90 -15.10
N PHE A 67 1.37 13.32 -16.19
CA PHE A 67 1.71 11.98 -16.64
C PHE A 67 3.20 11.77 -16.81
N GLN A 68 3.83 12.67 -17.57
CA GLN A 68 5.28 12.62 -17.80
C GLN A 68 6.05 12.71 -16.49
N ARG A 69 5.65 13.64 -15.63
CA ARG A 69 6.27 13.82 -14.30
C ARG A 69 6.13 12.58 -13.39
N GLU A 70 4.92 12.06 -13.30
CA GLU A 70 4.64 10.85 -12.53
C GLU A 70 5.42 9.67 -13.09
N ALA A 71 5.40 9.51 -14.41
CA ALA A 71 6.15 8.43 -15.07
C ALA A 71 7.63 8.50 -14.75
N GLU A 72 8.18 9.71 -14.68
CA GLU A 72 9.59 9.91 -14.30
C GLU A 72 9.85 9.36 -12.88
N LEU A 73 9.01 9.77 -11.93
CA LEU A 73 9.15 9.33 -10.54
C LEU A 73 8.93 7.83 -10.35
N LEU A 74 7.91 7.29 -11.02
CA LEU A 74 7.64 5.86 -10.95
C LEU A 74 8.81 5.02 -11.43
N THR A 75 9.48 5.51 -12.46
CA THR A 75 10.67 4.84 -12.99
C THR A 75 11.81 4.93 -11.99
N MET A 76 11.84 6.06 -11.28
CA MET A 76 12.86 6.32 -10.26
C MET A 76 12.72 5.41 -9.04
N LEU A 77 11.49 5.17 -8.61
CA LEU A 77 11.23 4.37 -7.41
C LEU A 77 11.06 2.90 -7.70
N GLN A 78 12.19 2.18 -7.74
CA GLN A 78 12.16 0.75 -7.99
C GLN A 78 12.89 0.02 -6.89
N HIS A 79 12.21 -0.92 -6.26
CA HIS A 79 12.76 -1.66 -5.12
C HIS A 79 12.15 -3.05 -5.06
N GLN A 80 12.69 -3.89 -4.20
CA GLN A 80 12.19 -5.27 -4.04
C GLN A 80 10.74 -5.41 -3.50
N HIS A 81 10.23 -4.33 -2.89
CA HIS A 81 8.90 -4.25 -2.27
C HIS A 81 8.13 -2.99 -2.68
N ILE A 82 8.36 -2.58 -3.92
CA ILE A 82 7.64 -1.49 -4.55
C ILE A 82 7.13 -2.10 -5.83
N VAL A 83 5.87 -1.84 -6.17
CA VAL A 83 5.26 -2.41 -7.37
C VAL A 83 6.08 -2.01 -8.60
N ARG A 84 6.49 -3.00 -9.38
CA ARG A 84 7.33 -2.72 -10.53
C ARG A 84 6.58 -1.97 -11.64
N PHE A 85 7.24 -0.94 -12.15
CA PHE A 85 6.75 -0.09 -13.22
C PHE A 85 7.64 -0.42 -14.41
N PHE A 86 7.04 -0.85 -15.52
CA PHE A 86 7.82 -1.24 -16.71
C PHE A 86 8.08 -0.11 -17.70
N GLY A 87 7.17 0.84 -17.79
CA GLY A 87 7.30 1.96 -18.69
C GLY A 87 5.94 2.50 -19.12
N VAL A 88 5.95 3.30 -20.18
CA VAL A 88 4.73 3.91 -20.70
C VAL A 88 4.51 3.64 -22.18
N CYS A 89 3.31 3.94 -22.64
CA CYS A 89 2.96 3.85 -24.05
C CYS A 89 2.35 5.18 -24.40
N THR A 90 3.11 5.98 -25.13
CA THR A 90 2.71 7.31 -25.56
C THR A 90 2.47 7.35 -27.08
N GLU A 91 2.46 6.18 -27.71
CA GLU A 91 2.31 6.09 -29.17
C GLU A 91 0.94 6.59 -29.60
N GLY A 92 -0.10 5.85 -29.27
CA GLY A 92 -1.48 6.28 -29.55
C GLY A 92 -2.17 6.62 -28.25
N ARG A 93 -3.14 7.53 -28.32
CA ARG A 93 -3.99 7.83 -27.18
C ARG A 93 -4.96 6.65 -27.00
N PRO A 94 -5.34 6.33 -25.76
CA PRO A 94 -5.00 7.02 -24.52
C PRO A 94 -3.62 6.64 -24.03
N LEU A 95 -3.00 7.49 -23.21
CA LEU A 95 -1.68 7.22 -22.67
C LEU A 95 -1.76 6.08 -21.66
N LEU A 96 -0.77 5.20 -21.69
CA LEU A 96 -0.74 4.06 -20.79
C LEU A 96 0.50 4.02 -19.92
N MET A 97 0.31 3.49 -18.71
CA MET A 97 1.38 3.25 -17.76
C MET A 97 1.33 1.78 -17.56
N VAL A 98 2.46 1.12 -17.61
CA VAL A 98 2.48 -0.32 -17.53
C VAL A 98 3.16 -0.80 -16.27
N PHE A 99 2.42 -1.54 -15.46
CA PHE A 99 2.92 -2.06 -14.22
C PHE A 99 2.92 -3.58 -14.20
N GLU A 100 3.59 -4.12 -13.20
CA GLU A 100 3.60 -5.55 -12.87
C GLU A 100 2.17 -6.00 -12.52
N TYR A 101 1.80 -7.22 -12.86
CA TYR A 101 0.49 -7.76 -12.48
C TYR A 101 0.63 -8.56 -11.19
N MET A 102 -0.19 -8.23 -10.20
CA MET A 102 -0.09 -8.79 -8.85
C MET A 102 -1.35 -9.59 -8.57
N ARG A 103 -1.24 -10.91 -8.64
CA ARG A 103 -2.42 -11.75 -8.85
C ARG A 103 -3.43 -11.85 -7.71
N HIS A 104 -2.99 -11.52 -6.50
CA HIS A 104 -3.90 -11.55 -5.36
C HIS A 104 -4.55 -10.19 -5.14
N GLY A 105 -4.26 -9.20 -6.00
CA GLY A 105 -4.84 -7.87 -5.88
C GLY A 105 -4.32 -7.13 -4.65
N ASP A 106 -5.10 -6.17 -4.17
CA ASP A 106 -4.64 -5.31 -3.08
C ASP A 106 -4.69 -6.03 -1.73
N LEU A 107 -3.83 -5.57 -0.83
CA LEU A 107 -3.59 -6.24 0.43
C LEU A 107 -4.81 -6.27 1.33
N ASN A 108 -5.65 -5.24 1.28
CA ASN A 108 -6.88 -5.24 2.08
C ASN A 108 -7.83 -6.37 1.69
N ARG A 109 -8.04 -6.53 0.39
CA ARG A 109 -8.85 -7.62 -0.16
C ARG A 109 -8.28 -9.00 0.23
N PHE A 110 -6.97 -9.15 0.10
CA PHE A 110 -6.28 -10.40 0.46
C PHE A 110 -6.43 -10.73 1.95
N LEU A 111 -6.21 -9.73 2.80
CA LEU A 111 -6.41 -9.92 4.24
C LEU A 111 -7.83 -10.37 4.61
N ARG A 112 -8.84 -9.72 4.04
CA ARG A 112 -10.22 -10.05 4.34
C ARG A 112 -10.58 -11.46 3.89
N SER A 113 -10.05 -11.88 2.76
CA SER A 113 -10.41 -13.17 2.21
C SER A 113 -9.69 -14.34 2.94
N HIS A 114 -8.75 -14.03 3.85
CA HIS A 114 -8.09 -15.01 4.73
C HIS A 114 -8.22 -14.61 6.21
N GLY A 115 -9.41 -14.14 6.59
CA GLY A 115 -9.71 -13.78 7.96
C GLY A 115 -11.07 -14.32 8.37
N PRO A 116 -11.41 -14.20 9.66
CA PRO A 116 -12.75 -14.55 10.16
C PRO A 116 -13.87 -13.79 9.43
N GLY A 123 -8.35 -23.69 1.15
CA GLY A 123 -7.03 -23.10 0.96
C GLY A 123 -6.66 -22.79 -0.49
N GLY A 124 -5.36 -22.80 -0.78
CA GLY A 124 -4.88 -22.52 -2.12
C GLY A 124 -3.39 -22.69 -2.35
N GLU A 125 -2.97 -22.21 -3.51
CA GLU A 125 -1.58 -22.28 -3.99
C GLU A 125 -0.54 -21.61 -3.09
N ASP A 126 -0.85 -20.40 -2.63
CA ASP A 126 0.08 -19.57 -1.85
C ASP A 126 -0.15 -19.57 -0.34
N VAL A 127 -1.34 -19.97 0.08
CA VAL A 127 -1.73 -19.82 1.46
C VAL A 127 -2.54 -21.01 1.93
N ALA A 128 -2.34 -21.32 3.20
CA ALA A 128 -3.04 -22.37 3.87
C ALA A 128 -4.53 -22.02 4.04
N PRO A 129 -5.35 -23.03 4.42
CA PRO A 129 -6.73 -22.72 4.80
C PRO A 129 -6.79 -21.98 6.14
N GLY A 130 -7.95 -21.41 6.45
CA GLY A 130 -8.17 -20.67 7.71
C GLY A 130 -7.51 -19.30 7.72
N PRO A 131 -7.58 -18.60 8.88
CA PRO A 131 -6.92 -17.32 8.92
C PRO A 131 -5.42 -17.45 8.84
N LEU A 132 -4.77 -16.41 8.33
CA LEU A 132 -3.34 -16.39 8.17
C LEU A 132 -2.73 -16.50 9.54
N GLY A 133 -1.71 -17.34 9.66
CA GLY A 133 -1.03 -17.52 10.93
C GLY A 133 -0.18 -16.32 11.26
N LEU A 134 0.29 -16.27 12.50
CA LEU A 134 1.10 -15.16 13.01
C LEU A 134 2.35 -14.92 12.18
N GLY A 135 2.98 -15.98 11.70
CA GLY A 135 4.16 -15.86 10.85
C GLY A 135 3.88 -15.23 9.49
N GLN A 136 2.69 -15.49 8.95
CA GLN A 136 2.27 -14.90 7.66
C GLN A 136 2.00 -13.42 7.85
N LEU A 137 1.27 -13.09 8.92
CA LEU A 137 0.95 -11.70 9.21
C LEU A 137 2.21 -10.88 9.36
N LEU A 138 3.22 -11.44 10.03
CA LEU A 138 4.48 -10.71 10.25
C LEU A 138 5.33 -10.52 8.98
N ALA A 139 5.33 -11.53 8.12
CA ALA A 139 5.98 -11.46 6.80
C ALA A 139 5.37 -10.33 5.96
N VAL A 140 4.05 -10.24 5.96
CA VAL A 140 3.35 -9.15 5.29
C VAL A 140 3.79 -7.81 5.87
N ALA A 141 3.63 -7.64 7.18
CA ALA A 141 4.03 -6.40 7.87
C ALA A 141 5.46 -5.96 7.51
N SER A 142 6.39 -6.91 7.59
CA SER A 142 7.81 -6.68 7.29
C SER A 142 8.11 -6.18 5.88
N GLN A 143 7.41 -6.76 4.90
CA GLN A 143 7.60 -6.37 3.50
C GLN A 143 7.17 -4.94 3.25
N VAL A 144 6.00 -4.57 3.78
CA VAL A 144 5.50 -3.19 3.68
C VAL A 144 6.47 -2.23 4.38
N ALA A 145 6.93 -2.60 5.57
CA ALA A 145 7.97 -1.83 6.30
C ALA A 145 9.23 -1.66 5.46
N ALA A 146 9.69 -2.75 4.84
CA ALA A 146 10.85 -2.71 3.92
C ALA A 146 10.64 -1.71 2.81
N GLY A 147 9.41 -1.69 2.28
CA GLY A 147 9.02 -0.73 1.26
C GLY A 147 9.12 0.71 1.69
N MET A 148 8.57 1.02 2.87
CA MET A 148 8.68 2.38 3.44
C MET A 148 10.10 2.77 3.85
N VAL A 149 10.94 1.81 4.25
CA VAL A 149 12.37 2.08 4.50
C VAL A 149 12.99 2.66 3.22
N TYR A 150 12.74 1.99 2.10
CA TYR A 150 13.23 2.46 0.81
C TYR A 150 12.74 3.87 0.51
N LEU A 151 11.44 4.07 0.66
CA LEU A 151 10.84 5.40 0.42
C LEU A 151 11.36 6.48 1.35
N ALA A 152 11.52 6.17 2.64
CA ALA A 152 12.05 7.14 3.61
C ALA A 152 13.48 7.49 3.25
N GLY A 153 14.28 6.46 2.92
CA GLY A 153 15.65 6.62 2.43
C GLY A 153 15.84 7.52 1.21
N LEU A 154 14.85 7.53 0.31
CA LEU A 154 14.80 8.50 -0.82
C LEU A 154 13.96 9.73 -0.50
N HIS A 155 13.48 9.82 0.74
CA HIS A 155 12.82 11.01 1.29
C HIS A 155 11.46 11.32 0.61
N PHE A 156 10.79 10.25 0.17
CA PHE A 156 9.46 10.32 -0.46
C PHE A 156 8.35 10.16 0.59
N VAL A 157 7.44 11.11 0.63
CA VAL A 157 6.28 11.08 1.52
C VAL A 157 5.07 10.49 0.76
N HIS A 158 4.53 9.36 1.24
CA HIS A 158 3.42 8.66 0.56
C HIS A 158 2.12 9.41 0.64
N ARG A 159 1.71 9.79 1.86
CA ARG A 159 0.44 10.51 2.14
C ARG A 159 -0.85 9.64 2.19
N ASP A 160 -0.78 8.40 1.71
CA ASP A 160 -1.95 7.49 1.66
C ASP A 160 -1.51 6.03 1.82
N LEU A 161 -0.62 5.80 2.78
CA LEU A 161 -0.23 4.46 3.11
C LEU A 161 -1.43 3.80 3.84
N ALA A 162 -1.78 2.61 3.38
CA ALA A 162 -2.92 1.82 3.84
C ALA A 162 -2.92 0.55 3.00
N THR A 163 -3.49 -0.54 3.52
CA THR A 163 -3.36 -1.86 2.90
C THR A 163 -4.01 -1.89 1.53
N ARG A 164 -5.03 -1.07 1.33
CA ARG A 164 -5.64 -0.91 0.02
C ARG A 164 -4.64 -0.41 -1.03
N ASN A 165 -3.61 0.29 -0.59
CA ASN A 165 -2.54 0.73 -1.48
C ASN A 165 -1.27 -0.14 -1.46
N CYS A 166 -1.45 -1.43 -1.16
CA CYS A 166 -0.39 -2.44 -1.32
C CYS A 166 -0.97 -3.57 -2.16
N LEU A 167 -0.10 -4.34 -2.82
CA LEU A 167 -0.52 -5.41 -3.71
C LEU A 167 0.14 -6.72 -3.33
N VAL A 168 -0.54 -7.82 -3.58
CA VAL A 168 -0.05 -9.12 -3.18
C VAL A 168 0.13 -9.97 -4.43
N GLY A 169 1.33 -10.50 -4.59
CA GLY A 169 1.69 -11.30 -5.76
C GLY A 169 1.87 -12.76 -5.41
N GLN A 170 2.29 -13.51 -6.42
CA GLN A 170 2.54 -14.94 -6.28
C GLN A 170 3.60 -15.17 -5.22
N GLY A 171 3.48 -16.27 -4.49
CA GLY A 171 4.32 -16.57 -3.32
C GLY A 171 4.14 -15.62 -2.15
N LEU A 172 2.98 -14.95 -2.09
CA LEU A 172 2.70 -13.92 -1.09
C LEU A 172 3.76 -12.85 -0.98
N VAL A 173 4.26 -12.38 -2.10
CA VAL A 173 5.16 -11.25 -2.13
C VAL A 173 4.25 -10.04 -1.98
N VAL A 174 4.60 -9.10 -1.11
CA VAL A 174 3.78 -7.92 -0.84
C VAL A 174 4.59 -6.68 -1.18
N LYS A 175 4.00 -5.77 -1.96
CA LYS A 175 4.68 -4.57 -2.44
C LYS A 175 3.79 -3.35 -2.30
N ILE A 176 4.41 -2.19 -2.07
CA ILE A 176 3.66 -0.94 -1.99
C ILE A 176 3.39 -0.44 -3.39
N GLY A 177 2.16 -0.01 -3.64
CA GLY A 177 1.80 0.62 -4.91
C GLY A 177 0.32 0.55 -5.19
N ASP A 178 -0.14 1.49 -6.00
CA ASP A 178 -1.53 1.53 -6.39
C ASP A 178 -1.64 2.18 -7.78
N PHE A 179 -2.83 2.10 -8.36
CA PHE A 179 -3.13 2.65 -9.67
C PHE A 179 -4.00 3.92 -9.62
N GLY A 180 -4.03 4.57 -8.46
CA GLY A 180 -4.67 5.87 -8.28
C GLY A 180 -6.18 5.85 -8.29
N MET A 181 -6.78 4.73 -7.90
CA MET A 181 -8.24 4.54 -7.89
C MET A 181 -8.82 4.14 -6.53
N SER A 182 -8.00 4.21 -5.48
CA SER A 182 -8.43 3.85 -4.13
C SER A 182 -9.59 4.69 -3.61
N ARG A 183 -9.61 5.97 -3.97
CA ARG A 183 -10.74 6.85 -3.66
C ARG A 183 -12.07 6.39 -4.27
N ASP A 184 -12.01 5.71 -5.41
CA ASP A 184 -13.21 5.23 -6.12
C ASP A 184 -13.65 3.85 -5.62
N ILE A 185 -12.68 2.96 -5.41
CA ILE A 185 -12.98 1.60 -4.96
C ILE A 185 -13.26 1.57 -3.45
N TYR A 186 -12.52 2.35 -2.68
CA TYR A 186 -12.65 2.36 -1.21
C TYR A 186 -13.06 3.75 -0.69
N THR A 188 -15.41 4.92 1.30
CA THR A 188 -15.66 5.04 2.76
C THR A 188 -14.39 5.22 3.62
N ASP A 189 -13.21 4.88 3.06
CA ASP A 189 -11.93 5.15 3.71
C ASP A 189 -11.47 6.58 3.55
N TYR A 190 -12.24 7.43 2.88
CA TYR A 190 -11.89 8.84 2.75
C TYR A 190 -13.01 9.76 3.27
N TYR A 191 -12.61 10.93 3.78
CA TYR A 191 -13.56 11.98 4.22
C TYR A 191 -13.51 13.12 3.20
N ARG A 192 -14.65 13.41 2.57
CA ARG A 192 -14.78 14.49 1.58
C ARG A 192 -14.94 15.80 2.34
N VAL A 193 -13.89 16.62 2.33
CA VAL A 193 -13.80 17.76 3.26
C VAL A 193 -14.62 18.98 2.82
N GLY A 194 -14.65 19.22 1.52
CA GLY A 194 -15.56 20.20 0.94
C GLY A 194 -15.92 19.76 -0.46
N GLY A 195 -15.01 20.08 -1.40
CA GLY A 195 -15.19 19.75 -2.80
C GLY A 195 -13.89 19.18 -3.35
N ARG A 196 -13.98 17.95 -3.85
CA ARG A 196 -12.89 17.30 -4.62
C ARG A 196 -11.65 16.83 -3.83
N THR A 197 -11.52 17.20 -2.55
CA THR A 197 -10.42 16.74 -1.71
C THR A 197 -10.98 15.61 -0.84
N MET A 198 -10.29 14.48 -0.86
CA MET A 198 -10.72 13.30 -0.13
C MET A 198 -9.57 12.81 0.74
N LEU A 199 -9.76 12.89 2.05
CA LEU A 199 -8.68 12.63 3.01
C LEU A 199 -8.82 11.27 3.73
N PRO A 200 -7.74 10.48 3.77
CA PRO A 200 -7.75 9.22 4.49
C PRO A 200 -7.54 9.45 5.99
N ILE A 201 -8.51 10.12 6.60
CA ILE A 201 -8.39 10.61 7.99
C ILE A 201 -8.07 9.50 9.00
N ARG A 202 -8.70 8.35 8.85
CA ARG A 202 -8.52 7.23 9.79
C ARG A 202 -7.08 6.71 9.85
N TRP A 203 -6.28 7.05 8.82
CA TRP A 203 -4.88 6.68 8.71
C TRP A 203 -3.90 7.81 9.06
N MET A 204 -4.43 9.00 9.38
CA MET A 204 -3.63 10.21 9.55
C MET A 204 -3.40 10.56 11.04
N PRO A 205 -2.22 11.10 11.39
CA PRO A 205 -1.94 11.54 12.74
C PRO A 205 -2.55 12.93 13.03
N PRO A 206 -2.55 13.35 14.32
CA PRO A 206 -3.01 14.68 14.70
C PRO A 206 -2.46 15.82 13.85
N GLU A 207 -1.17 15.81 13.56
CA GLU A 207 -0.54 16.93 12.85
C GLU A 207 -0.99 17.09 11.40
N SER A 208 -1.45 16.01 10.77
CA SER A 208 -1.97 16.04 9.41
C SER A 208 -3.43 16.53 9.42
N ILE A 209 -4.23 16.04 10.37
CA ILE A 209 -5.61 16.47 10.49
C ILE A 209 -5.71 17.94 10.92
N LEU A 210 -5.01 18.26 12.00
CA LEU A 210 -5.09 19.59 12.63
C LEU A 210 -4.33 20.65 11.85
N TYR A 211 -3.06 20.38 11.55
CA TYR A 211 -2.17 21.37 10.92
C TYR A 211 -1.94 21.16 9.42
N ARG A 212 -2.38 20.03 8.90
CA ARG A 212 -2.24 19.69 7.47
C ARG A 212 -0.78 19.55 7.02
N LYS A 213 0.04 19.01 7.91
CA LYS A 213 1.44 18.69 7.63
C LYS A 213 1.59 17.19 7.35
N PHE A 214 2.48 16.87 6.42
CA PHE A 214 2.72 15.51 5.97
C PHE A 214 4.22 15.31 5.81
N THR A 215 4.75 14.24 6.39
CA THR A 215 6.20 14.00 6.48
C THR A 215 6.48 12.51 6.55
N THR A 216 7.76 12.16 6.55
CA THR A 216 8.19 10.79 6.80
C THR A 216 7.54 10.20 8.06
N GLU A 217 7.27 11.04 9.07
CA GLU A 217 6.74 10.60 10.36
C GLU A 217 5.23 10.54 10.40
N SER A 218 4.55 11.26 9.52
CA SER A 218 3.13 10.99 9.28
C SER A 218 2.97 9.61 8.63
N ASP A 219 3.95 9.21 7.81
CA ASP A 219 3.97 7.88 7.20
C ASP A 219 4.24 6.78 8.21
N VAL A 220 5.10 7.00 9.21
CA VAL A 220 5.30 5.96 10.24
C VAL A 220 4.00 5.70 11.01
N TRP A 221 3.26 6.77 11.28
CA TRP A 221 1.99 6.68 11.96
C TRP A 221 1.06 5.84 11.14
N SER A 222 1.01 6.13 9.83
CA SER A 222 0.17 5.41 8.89
C SER A 222 0.58 3.96 8.83
N PHE A 223 1.87 3.71 8.85
CA PHE A 223 2.34 2.32 8.90
C PHE A 223 1.79 1.62 10.14
N GLY A 224 1.86 2.29 11.29
CA GLY A 224 1.28 1.76 12.51
C GLY A 224 -0.16 1.32 12.34
N VAL A 225 -0.94 2.11 11.59
CA VAL A 225 -2.35 1.78 11.30
C VAL A 225 -2.43 0.60 10.28
N VAL A 226 -1.53 0.59 9.30
CA VAL A 226 -1.36 -0.59 8.40
C VAL A 226 -1.10 -1.89 9.18
N LEU A 227 -0.29 -1.78 10.22
CA LEU A 227 0.02 -2.92 11.06
C LEU A 227 -1.21 -3.42 11.80
N TRP A 228 -2.04 -2.48 12.26
CA TRP A 228 -3.32 -2.78 12.86
C TRP A 228 -4.29 -3.42 11.87
N GLU A 229 -4.34 -2.89 10.64
CA GLU A 229 -5.16 -3.49 9.58
C GLU A 229 -4.76 -4.96 9.34
N ILE A 230 -3.46 -5.20 9.23
CA ILE A 230 -2.91 -6.55 9.00
C ILE A 230 -3.41 -7.48 10.09
N PHE A 231 -3.19 -7.07 11.34
CA PHE A 231 -3.57 -7.86 12.51
C PHE A 231 -5.06 -7.95 12.84
N THR A 232 -5.90 -7.19 12.12
CA THR A 232 -7.37 -7.31 12.20
C THR A 232 -7.99 -7.94 10.93
N TYR A 233 -7.12 -8.45 10.05
CA TYR A 233 -7.52 -9.06 8.77
C TYR A 233 -8.26 -8.07 7.87
N GLY A 234 -7.76 -6.83 7.85
CA GLY A 234 -8.21 -5.79 6.91
C GLY A 234 -9.39 -4.97 7.32
N LYS A 235 -9.74 -5.00 8.62
CA LYS A 235 -10.87 -4.22 9.13
C LYS A 235 -10.56 -2.73 9.05
N GLN A 236 -11.58 -1.90 8.85
CA GLN A 236 -11.38 -0.45 8.82
C GLN A 236 -11.04 0.11 10.21
N PRO A 237 -9.96 0.93 10.31
CA PRO A 237 -9.64 1.58 11.59
C PRO A 237 -10.79 2.47 12.06
N TRP A 238 -11.07 2.45 13.35
CA TRP A 238 -12.18 3.20 13.94
C TRP A 238 -13.52 2.95 13.24
N TYR A 239 -13.75 1.72 12.79
CA TYR A 239 -15.00 1.33 12.08
C TYR A 239 -16.27 1.69 12.83
N GLN A 240 -16.20 1.67 14.17
CA GLN A 240 -17.35 2.02 15.02
C GLN A 240 -17.74 3.51 14.97
N LEU A 241 -16.86 4.36 14.43
CA LEU A 241 -17.04 5.82 14.40
C LEU A 241 -17.38 6.39 13.03
N SER A 242 -18.16 7.47 13.05
CA SER A 242 -18.31 8.33 11.88
C SER A 242 -17.01 9.05 11.60
N ASN A 243 -16.95 9.75 10.47
CA ASN A 243 -15.76 10.52 10.10
C ASN A 243 -15.42 11.64 11.12
N THR A 244 -16.43 12.37 11.57
CA THR A 244 -16.23 13.48 12.52
C THR A 244 -15.79 12.92 13.88
N GLU A 245 -16.50 11.90 14.35
CA GLU A 245 -16.12 11.15 15.56
C GLU A 245 -14.70 10.59 15.50
N ALA A 246 -14.30 10.10 14.34
CA ALA A 246 -12.92 9.62 14.14
C ALA A 246 -11.89 10.74 14.21
N ILE A 247 -12.20 11.89 13.62
CA ILE A 247 -11.34 13.06 13.75
C ILE A 247 -11.22 13.45 15.24
N ASP A 248 -12.34 13.49 15.94
CA ASP A 248 -12.34 13.80 17.38
C ASP A 248 -11.40 12.87 18.16
N CYS A 249 -11.57 11.56 18.00
CA CYS A 249 -10.72 10.59 18.71
C CYS A 249 -9.27 10.71 18.38
N ILE A 250 -8.95 10.94 17.11
CA ILE A 250 -7.54 11.05 16.70
C ILE A 250 -6.87 12.29 17.30
N THR A 251 -7.58 13.42 17.22
CA THR A 251 -7.01 14.68 17.70
C THR A 251 -6.94 14.75 19.22
N GLN A 252 -7.92 14.14 19.89
CA GLN A 252 -7.92 14.02 21.35
C GLN A 252 -6.91 13.01 21.91
N GLY A 253 -6.30 12.19 21.05
CA GLY A 253 -5.17 11.31 21.44
C GLY A 253 -5.46 9.86 21.80
N ARG A 254 -6.66 9.37 21.49
CA ARG A 254 -6.97 7.94 21.57
C ARG A 254 -6.14 7.10 20.58
N GLU A 255 -5.66 5.97 21.06
CA GLU A 255 -4.92 4.99 20.25
C GLU A 255 -5.82 3.78 19.97
N LEU A 256 -5.69 3.19 18.79
CA LEU A 256 -6.43 1.99 18.42
C LEU A 256 -6.16 0.86 19.45
N GLU A 257 -7.16 0.03 19.75
CA GLU A 257 -6.98 -1.09 20.70
C GLU A 257 -6.17 -2.24 20.07
N ARG A 258 -5.59 -3.08 20.93
CA ARG A 258 -4.79 -4.24 20.50
C ARG A 258 -5.68 -5.28 19.85
N PRO A 259 -5.40 -5.61 18.57
CA PRO A 259 -6.19 -6.65 17.93
C PRO A 259 -6.07 -8.00 18.67
N ARG A 260 -7.12 -8.79 18.60
CA ARG A 260 -7.15 -10.15 19.16
C ARG A 260 -5.99 -11.03 18.65
N ALA A 261 -5.65 -10.93 17.37
CA ALA A 261 -4.56 -11.73 16.78
C ALA A 261 -3.17 -11.17 17.04
N CYS A 262 -3.08 -10.01 17.69
CA CYS A 262 -1.83 -9.26 17.83
C CYS A 262 -1.23 -9.43 19.22
N PRO A 263 -0.03 -10.03 19.34
CA PRO A 263 0.56 -10.17 20.66
C PRO A 263 1.18 -8.85 21.13
N PRO A 264 1.41 -8.72 22.47
CA PRO A 264 1.93 -7.49 23.10
C PRO A 264 3.11 -6.82 22.44
N GLU A 265 4.08 -7.63 22.00
CA GLU A 265 5.31 -7.09 21.40
C GLU A 265 5.06 -6.41 20.03
N VAL A 266 4.08 -6.89 19.28
CA VAL A 266 3.73 -6.31 17.97
C VAL A 266 2.94 -5.03 18.23
N TYR A 267 1.99 -5.11 19.15
CA TYR A 267 1.28 -3.93 19.63
C TYR A 267 2.20 -2.83 20.14
N ALA A 268 3.29 -3.20 20.80
CA ALA A 268 4.34 -2.24 21.19
C ALA A 268 5.00 -1.57 19.97
N ILE A 269 5.16 -2.30 18.87
CA ILE A 269 5.61 -1.71 17.61
C ILE A 269 4.62 -0.65 17.06
N MET A 270 3.31 -0.91 17.17
CA MET A 270 2.27 0.06 16.76
C MET A 270 2.37 1.36 17.55
N ARG A 271 2.46 1.23 18.88
CA ARG A 271 2.46 2.41 19.78
C ARG A 271 3.63 3.36 19.55
N GLY A 272 4.82 2.82 19.33
CA GLY A 272 5.97 3.60 18.88
C GLY A 272 5.76 4.38 17.59
N CYS A 273 4.96 3.81 16.68
CA CYS A 273 4.51 4.52 15.46
C CYS A 273 3.50 5.65 15.79
N TRP A 274 2.75 5.50 16.87
CA TRP A 274 1.67 6.41 17.28
C TRP A 274 2.00 7.40 18.44
N GLN A 275 3.27 7.74 18.66
CA GLN A 275 3.59 8.78 19.64
C GLN A 275 3.01 10.09 19.11
N ARG A 276 2.33 10.85 19.97
CA ARG A 276 1.66 12.09 19.55
C ARG A 276 2.61 13.10 18.90
N GLU A 277 3.83 13.16 19.41
CA GLU A 277 4.87 14.04 18.89
C GLU A 277 5.69 13.32 17.83
N PRO A 278 5.76 13.87 16.59
CA PRO A 278 6.47 13.24 15.46
C PRO A 278 7.90 12.77 15.70
N GLN A 279 8.67 13.55 16.48
CA GLN A 279 10.06 13.23 16.77
C GLN A 279 10.22 11.99 17.69
N GLN A 280 9.27 11.79 18.59
CA GLN A 280 9.27 10.63 19.49
C GLN A 280 8.87 9.30 18.84
N ARG A 281 8.42 9.33 17.59
CA ARG A 281 8.10 8.11 16.85
C ARG A 281 9.36 7.41 16.43
N HIS A 282 9.34 6.07 16.54
CA HIS A 282 10.48 5.27 16.10
C HIS A 282 10.62 5.40 14.59
N SER A 283 11.85 5.26 14.10
CA SER A 283 12.13 5.34 12.67
C SER A 283 11.64 4.05 12.01
N ILE A 284 11.29 4.18 10.74
CA ILE A 284 10.79 3.03 9.95
C ILE A 284 11.85 1.89 9.94
N LYS A 285 13.13 2.26 9.84
CA LYS A 285 14.25 1.29 9.88
C LYS A 285 14.22 0.34 11.08
N ASP A 286 13.81 0.86 12.24
CA ASP A 286 13.72 0.09 13.48
C ASP A 286 12.46 -0.74 13.52
N VAL A 287 11.37 -0.18 12.99
CA VAL A 287 10.10 -0.90 12.89
C VAL A 287 10.32 -2.13 12.01
N HIS A 288 10.97 -1.93 10.88
CA HIS A 288 11.29 -3.03 9.98
C HIS A 288 12.16 -4.10 10.64
N ALA A 289 13.25 -3.62 11.26
CA ALA A 289 14.24 -4.53 11.85
C ALA A 289 13.62 -5.41 12.92
N ARG A 290 12.75 -4.82 13.74
CA ARG A 290 12.02 -5.59 14.75
C ARG A 290 11.04 -6.60 14.16
N LEU A 291 10.28 -6.17 13.14
CA LEU A 291 9.30 -7.03 12.47
C LEU A 291 9.92 -8.16 11.63
N GLN A 292 11.04 -7.86 10.97
CA GLN A 292 11.79 -8.89 10.23
C GLN A 292 12.23 -10.03 11.17
N ALA A 293 12.94 -9.65 12.23
CA ALA A 293 13.39 -10.56 13.28
C ALA A 293 12.29 -11.51 13.73
N LEU A 294 11.13 -10.93 14.06
CA LEU A 294 9.95 -11.68 14.41
C LEU A 294 9.47 -12.58 13.25
N ALA A 295 9.42 -12.03 12.04
CA ALA A 295 9.00 -12.81 10.87
C ALA A 295 9.96 -13.96 10.55
N GLN A 296 11.25 -13.72 10.75
CA GLN A 296 12.31 -14.74 10.57
C GLN A 296 12.61 -15.57 11.84
N ALA A 297 11.80 -15.41 12.89
CA ALA A 297 11.99 -16.14 14.15
C ALA A 297 11.45 -17.55 14.01
N PRO A 298 12.05 -18.52 14.74
CA PRO A 298 11.60 -19.91 14.60
C PRO A 298 10.22 -20.14 15.23
N PRO A 299 9.50 -21.19 14.76
CA PRO A 299 8.17 -21.48 15.33
C PRO A 299 8.13 -21.60 16.86
N VAL A 300 9.19 -22.14 17.44
CA VAL A 300 9.29 -22.28 18.90
C VAL A 300 9.25 -20.91 19.63
N TYR A 301 9.85 -19.88 19.03
CA TYR A 301 9.86 -18.55 19.62
C TYR A 301 8.53 -17.84 19.39
N LEU A 302 7.96 -18.02 18.19
CA LEU A 302 6.71 -17.39 17.82
C LEU A 302 5.52 -18.02 18.49
N ASP A 303 5.54 -19.34 18.63
CA ASP A 303 4.44 -20.04 19.32
C ASP A 303 4.23 -19.54 20.74
N VAL A 304 5.25 -18.88 21.31
CA VAL A 304 5.26 -18.41 22.69
C VAL A 304 4.99 -16.90 22.81
N LEU A 305 4.78 -16.22 21.69
CA LEU A 305 4.61 -14.75 21.68
C LEU A 305 3.22 -14.34 22.20
#